data_6AXK
#
_entry.id   6AXK
#
_cell.length_a   66.117
_cell.length_b   44.729
_cell.length_c   186.079
_cell.angle_alpha   90.00
_cell.angle_beta   90.00
_cell.angle_gamma   90.00
#
_symmetry.space_group_name_H-M   'P 21 21 21'
#
loop_
_entity.id
_entity.type
_entity.pdbx_description
1 polymer 'Fab311 heavy chain'
2 polymer 'Fab311 light chain'
3 polymer ACE-ASN-PRO-ASN-ALA-ASN-PRO-ASN-ALA-ASN-PRO-ASN
4 non-polymer '2-(N-MORPHOLINO)-ETHANESULFONIC ACID'
5 non-polymer 'PENTAETHYLENE GLYCOL'
6 water water
#
loop_
_entity_poly.entity_id
_entity_poly.type
_entity_poly.pdbx_seq_one_letter_code
_entity_poly.pdbx_strand_id
1 'polypeptide(L)'
;(PCA)VQLVESGGGVVPPGRSLRLSCATSGFTFSNYGMHWVRQAPGKGLEWVAIIWYDGSRNFYAASVEGRFTISRDNSK
NTLYLQMNSLRVEDTAVYYCARAAYYDTSGYGDYWGQGTLVTVSSASTKGPSVFPLAPSSKSTSGGTAALGCLVKDYFPE
PVTVSWNSGALTSGVHTFPAVLQSSGLYSLSSVVTVPSSSLGTQTYICNVNHKPSNTKVDKKVEPKSC
;
A
2 'polypeptide(L)'
;(PCA)SVLTQPPSVSGAPGQTVTISCTGGSSNIGAGYDVHWYQQLPGTAPKLLIYGNINRPSGVPDRFSGSKSGTSASLA
ITGLQAEDEADYYCQSYDRRLSGSWVFGGGTKLTVLGQPKAAPSVTLFPPSSEELQANKATLVCLVSDFYPGAVTVAWKA
DGSPVKVGVETTKPSKQSNNKYAASSYLSLTPEQWKSHRSYSCRVTHEGSTVEKTVAPAECS
;
B
3 'polypeptide(L)' (ACE)NPNANPNANPNA(NH2) E
#
loop_
_chem_comp.id
_chem_comp.type
_chem_comp.name
_chem_comp.formula
1PE non-polymer 'PENTAETHYLENE GLYCOL' 'C10 H22 O6'
ACE non-polymer 'ACETYL GROUP' 'C2 H4 O'
MES non-polymer '2-(N-MORPHOLINO)-ETHANESULFONIC ACID' 'C6 H13 N O4 S'
NH2 non-polymer 'AMINO GROUP' 'H2 N'
#
# COMPACT_ATOMS: atom_id res chain seq x y z
N PCA A 1 -21.95 20.32 14.01
CA PCA A 1 -21.66 19.17 13.11
CB PCA A 1 -21.08 19.66 11.79
CG PCA A 1 -20.80 21.13 11.95
CD PCA A 1 -21.41 21.47 13.29
OE PCA A 1 -21.45 22.62 13.71
C PCA A 1 -20.69 18.21 13.76
O PCA A 1 -19.79 18.63 14.49
H PCA A 1 -22.53 20.87 13.62
HA PCA A 1 -22.50 18.69 12.92
HB2 PCA A 1 -20.26 19.15 11.57
HB3 PCA A 1 -21.73 19.51 11.07
HG2 PCA A 1 -19.83 21.31 11.94
HG3 PCA A 1 -21.23 21.65 11.25
N VAL A 2 -20.85 16.91 13.50
CA VAL A 2 -19.97 15.90 14.04
C VAL A 2 -18.53 16.18 13.61
N GLN A 3 -17.62 16.22 14.57
CA GLN A 3 -16.21 16.50 14.28
C GLN A 3 -15.33 15.65 15.18
N LEU A 4 -14.41 14.91 14.57
CA LEU A 4 -13.42 14.09 15.28
C LEU A 4 -12.03 14.58 14.91
N VAL A 5 -11.15 14.70 15.90
CA VAL A 5 -9.80 15.23 15.70
C VAL A 5 -8.82 14.37 16.50
N GLU A 6 -7.99 13.62 15.79
CA GLU A 6 -6.97 12.78 16.42
C GLU A 6 -5.70 13.60 16.69
N SER A 7 -4.95 13.14 17.69
CA SER A 7 -3.66 13.74 18.02
C SER A 7 -2.84 12.73 18.80
N GLY A 8 -1.53 12.99 18.88
CA GLY A 8 -0.61 12.17 19.64
C GLY A 8 0.33 11.33 18.81
N GLY A 9 0.24 11.39 17.48
CA GLY A 9 1.11 10.58 16.65
C GLY A 9 2.53 11.09 16.63
N GLY A 10 3.45 10.19 16.32
CA GLY A 10 4.85 10.54 16.25
C GLY A 10 5.70 9.39 15.75
N VAL A 11 7.00 9.51 15.98
CA VAL A 11 7.97 8.52 15.55
C VAL A 11 8.68 8.00 16.79
N VAL A 12 8.57 6.69 17.03
CA VAL A 12 9.21 6.05 18.17
C VAL A 12 9.86 4.74 17.73
N PRO A 13 10.77 4.21 18.52
CA PRO A 13 11.35 2.90 18.21
C PRO A 13 10.49 1.78 18.76
N PRO A 14 10.71 0.54 18.33
CA PRO A 14 9.95 -0.58 18.89
C PRO A 14 10.12 -0.67 20.40
N GLY A 15 9.08 -1.19 21.06
CA GLY A 15 9.06 -1.30 22.50
C GLY A 15 8.56 -0.05 23.22
N ARG A 16 8.61 1.10 22.57
CA ARG A 16 8.13 2.34 23.18
C ARG A 16 6.60 2.33 23.27
N SER A 17 6.07 3.19 24.14
CA SER A 17 4.64 3.36 24.32
C SER A 17 4.19 4.69 23.70
N LEU A 18 2.87 4.85 23.62
CA LEU A 18 2.30 6.02 22.98
C LEU A 18 0.81 6.06 23.30
N ARG A 19 0.27 7.28 23.43
CA ARG A 19 -1.14 7.49 23.73
C ARG A 19 -1.73 8.44 22.70
N LEU A 20 -2.71 7.95 21.95
CA LEU A 20 -3.43 8.76 20.98
C LEU A 20 -4.70 9.29 21.61
N SER A 21 -5.08 10.51 21.21
CA SER A 21 -6.29 11.15 21.68
C SER A 21 -7.20 11.47 20.50
N CYS A 22 -8.50 11.56 20.77
CA CYS A 22 -9.49 11.93 19.76
C CYS A 22 -10.53 12.81 20.44
N ALA A 23 -10.37 14.12 20.30
CA ALA A 23 -11.33 15.07 20.83
C ALA A 23 -12.50 15.21 19.87
N THR A 24 -13.72 15.14 20.40
CA THR A 24 -14.92 15.17 19.59
C THR A 24 -15.75 16.41 19.93
N SER A 25 -16.68 16.74 19.04
CA SER A 25 -17.61 17.83 19.25
C SER A 25 -18.77 17.67 18.27
N GLY A 26 -19.87 18.36 18.60
CA GLY A 26 -21.04 18.35 17.74
C GLY A 26 -22.02 17.23 18.00
N PHE A 27 -21.88 16.50 19.10
CA PHE A 27 -22.81 15.43 19.43
C PHE A 27 -22.53 14.97 20.86
N THR A 28 -23.51 14.27 21.43
CA THR A 28 -23.38 13.74 22.78
C THR A 28 -22.40 12.57 22.76
N PHE A 29 -21.17 12.81 23.22
CA PHE A 29 -20.14 11.78 23.18
C PHE A 29 -20.55 10.54 23.95
N SER A 30 -21.22 10.73 25.09
CA SER A 30 -21.54 9.61 25.97
C SER A 30 -22.63 8.69 25.43
N ASN A 31 -23.27 9.05 24.32
CA ASN A 31 -24.31 8.22 23.73
C ASN A 31 -23.81 7.30 22.62
N TYR A 32 -22.53 7.38 22.26
CA TYR A 32 -22.00 6.65 21.12
C TYR A 32 -20.78 5.84 21.50
N GLY A 33 -20.72 4.61 21.01
CA GLY A 33 -19.47 3.88 21.00
C GLY A 33 -18.51 4.46 19.98
N MET A 34 -17.24 4.10 20.12
CA MET A 34 -16.19 4.67 19.29
C MET A 34 -15.24 3.57 18.83
N HIS A 35 -14.68 3.77 17.64
CA HIS A 35 -13.77 2.81 17.03
C HIS A 35 -12.41 3.43 16.79
N TRP A 36 -11.40 2.57 16.72
CA TRP A 36 -10.08 2.92 16.21
C TRP A 36 -9.81 2.07 14.98
N VAL A 37 -9.42 2.72 13.89
CA VAL A 37 -9.07 2.05 12.64
C VAL A 37 -7.70 2.57 12.21
N ARG A 38 -6.90 1.69 11.62
CA ARG A 38 -5.56 2.06 11.19
C ARG A 38 -5.34 1.60 9.75
N GLN A 39 -4.35 2.22 9.11
CA GLN A 39 -4.08 1.97 7.70
C GLN A 39 -2.58 2.15 7.47
N ALA A 40 -1.86 1.05 7.28
CA ALA A 40 -0.45 1.14 6.98
C ALA A 40 -0.25 1.93 5.69
N PRO A 41 0.92 2.55 5.51
CA PRO A 41 1.16 3.35 4.30
C PRO A 41 0.94 2.52 3.05
N GLY A 42 0.02 2.99 2.21
CA GLY A 42 -0.25 2.34 0.94
C GLY A 42 -1.02 1.05 1.03
N LYS A 43 -1.52 0.67 2.21
CA LYS A 43 -2.25 -0.57 2.39
C LYS A 43 -3.71 -0.25 2.70
N GLY A 44 -4.47 -1.30 3.06
CA GLY A 44 -5.88 -1.16 3.30
C GLY A 44 -6.20 -0.83 4.75
N LEU A 45 -7.50 -0.77 5.03
CA LEU A 45 -7.98 -0.45 6.37
C LEU A 45 -7.99 -1.70 7.24
N GLU A 46 -7.77 -1.50 8.54
CA GLU A 46 -7.74 -2.60 9.51
C GLU A 46 -8.41 -2.14 10.79
N TRP A 47 -9.52 -2.79 11.15
CA TRP A 47 -10.20 -2.48 12.41
C TRP A 47 -9.30 -2.84 13.58
N VAL A 48 -9.24 -1.95 14.57
CA VAL A 48 -8.32 -2.07 15.70
C VAL A 48 -9.06 -2.36 17.00
N ALA A 49 -10.02 -1.52 17.37
CA ALA A 49 -10.67 -1.67 18.67
C ALA A 49 -11.98 -0.90 18.70
N ILE A 50 -12.81 -1.25 19.68
CA ILE A 50 -14.07 -0.56 19.94
C ILE A 50 -14.25 -0.43 21.45
N ILE A 51 -14.98 0.60 21.86
CA ILE A 51 -15.37 0.77 23.26
C ILE A 51 -16.84 1.18 23.30
N TRP A 52 -17.61 0.50 24.15
CA TRP A 52 -19.03 0.77 24.27
C TRP A 52 -19.27 2.22 24.70
N TYR A 53 -20.48 2.72 24.40
CA TYR A 53 -20.83 4.09 24.76
C TYR A 53 -20.63 4.32 26.25
N ASP A 54 -20.94 3.32 27.07
CA ASP A 54 -20.85 3.43 28.52
C ASP A 54 -19.56 2.84 29.08
N GLY A 55 -18.58 2.57 28.22
CA GLY A 55 -17.31 2.05 28.68
C GLY A 55 -17.40 0.73 29.41
N SER A 56 -18.44 -0.05 29.13
CA SER A 56 -18.63 -1.33 29.80
C SER A 56 -17.95 -2.49 29.07
N ARG A 57 -17.72 -2.37 27.77
CA ARG A 57 -17.11 -3.43 26.98
C ARG A 57 -16.01 -2.86 26.10
N ASN A 58 -14.97 -3.66 25.91
CA ASN A 58 -13.89 -3.34 24.98
C ASN A 58 -13.56 -4.59 24.18
N PHE A 59 -13.40 -4.43 22.88
CA PHE A 59 -13.00 -5.52 22.00
C PHE A 59 -11.85 -5.05 21.13
N TYR A 60 -10.90 -5.95 20.89
CA TYR A 60 -9.68 -5.63 20.15
C TYR A 60 -9.46 -6.64 19.03
N ALA A 61 -8.71 -6.22 18.03
CA ALA A 61 -8.22 -7.14 17.01
C ALA A 61 -7.14 -8.03 17.60
N ALA A 62 -7.02 -9.25 17.07
CA ALA A 62 -6.05 -10.20 17.59
C ALA A 62 -4.63 -9.65 17.51
N SER A 63 -4.34 -8.85 16.48
CA SER A 63 -2.98 -8.35 16.29
C SER A 63 -2.55 -7.36 17.36
N VAL A 64 -3.48 -6.82 18.14
CA VAL A 64 -3.15 -5.86 19.19
C VAL A 64 -3.60 -6.31 20.56
N GLU A 65 -4.36 -7.40 20.67
CA GLU A 65 -4.86 -7.86 21.96
C GLU A 65 -3.71 -8.00 22.96
N GLY A 66 -3.90 -7.39 24.14
CA GLY A 66 -2.91 -7.44 25.19
C GLY A 66 -1.90 -6.31 25.18
N ARG A 67 -1.77 -5.60 24.07
CA ARG A 67 -0.83 -4.49 23.94
C ARG A 67 -1.50 -3.14 23.92
N PHE A 68 -2.64 -3.02 23.24
CA PHE A 68 -3.37 -1.76 23.16
C PHE A 68 -4.52 -1.75 24.16
N THR A 69 -4.83 -0.55 24.66
CA THR A 69 -5.92 -0.36 25.61
C THR A 69 -6.73 0.86 25.17
N ILE A 70 -8.01 0.66 24.94
CA ILE A 70 -8.92 1.73 24.54
C ILE A 70 -9.64 2.24 25.77
N SER A 71 -9.83 3.56 25.84
CA SER A 71 -10.52 4.18 26.97
C SER A 71 -11.16 5.48 26.48
N ARG A 72 -11.93 6.10 27.37
CA ARG A 72 -12.63 7.32 27.03
C ARG A 72 -12.81 8.17 28.29
N ASP A 73 -12.90 9.48 28.08
CA ASP A 73 -13.12 10.47 29.15
C ASP A 73 -14.35 11.28 28.74
N ASN A 74 -15.54 10.79 29.10
CA ASN A 74 -16.77 11.45 28.70
C ASN A 74 -16.81 12.90 29.17
N SER A 75 -16.14 13.22 30.28
CA SER A 75 -16.14 14.60 30.76
C SER A 75 -15.43 15.52 29.78
N LYS A 76 -14.47 15.00 29.02
CA LYS A 76 -13.75 15.78 28.02
C LYS A 76 -14.15 15.43 26.60
N ASN A 77 -15.16 14.58 26.43
CA ASN A 77 -15.60 14.16 25.10
C ASN A 77 -14.43 13.65 24.26
N THR A 78 -13.52 12.92 24.91
CA THR A 78 -12.28 12.49 24.29
C THR A 78 -12.12 10.98 24.38
N LEU A 79 -11.66 10.40 23.28
CA LEU A 79 -11.32 8.98 23.19
C LEU A 79 -9.81 8.82 23.21
N TYR A 80 -9.34 7.71 23.76
CA TYR A 80 -7.91 7.46 23.89
C TYR A 80 -7.58 6.05 23.39
N LEU A 81 -6.32 5.87 23.01
CA LEU A 81 -5.79 4.56 22.67
C LEU A 81 -4.38 4.46 23.23
N GLN A 82 -4.21 3.69 24.30
CA GLN A 82 -2.91 3.47 24.91
C GLN A 82 -2.21 2.32 24.18
N MET A 83 -1.07 2.62 23.56
CA MET A 83 -0.35 1.66 22.74
C MET A 83 0.95 1.29 23.45
N ASN A 84 1.10 0.02 23.82
CA ASN A 84 2.26 -0.48 24.53
C ASN A 84 2.98 -1.52 23.69
N SER A 85 4.26 -1.70 24.00
CA SER A 85 5.10 -2.69 23.32
C SER A 85 4.97 -2.57 21.80
N LEU A 86 5.08 -1.34 21.32
CA LEU A 86 4.90 -1.07 19.90
C LEU A 86 5.83 -1.92 19.06
N ARG A 87 5.29 -2.48 17.98
CA ARG A 87 6.06 -3.21 16.99
C ARG A 87 6.18 -2.38 15.71
N VAL A 88 7.08 -2.82 14.83
CA VAL A 88 7.29 -2.09 13.58
C VAL A 88 6.06 -2.18 12.69
N GLU A 89 5.31 -3.28 12.76
CA GLU A 89 4.12 -3.43 11.94
C GLU A 89 2.93 -2.63 12.46
N ASP A 90 3.08 -1.92 13.57
CA ASP A 90 2.06 -0.99 14.03
C ASP A 90 2.10 0.34 13.30
N THR A 91 3.12 0.57 12.47
CA THR A 91 3.21 1.82 11.71
C THR A 91 1.97 1.98 10.83
N ALA A 92 1.24 3.07 11.04
CA ALA A 92 0.03 3.32 10.28
C ALA A 92 -0.55 4.66 10.69
N VAL A 93 -1.44 5.18 9.85
CA VAL A 93 -2.32 6.28 10.23
C VAL A 93 -3.47 5.70 11.04
N TYR A 94 -3.78 6.32 12.17
CA TYR A 94 -4.85 5.85 13.06
C TYR A 94 -6.03 6.80 12.97
N TYR A 95 -7.22 6.25 12.75
CA TYR A 95 -8.42 7.02 12.52
C TYR A 95 -9.38 6.86 13.69
N CYS A 96 -10.07 7.94 14.03
CA CYS A 96 -11.16 7.96 14.99
C CYS A 96 -12.47 7.85 14.23
N ALA A 97 -13.34 6.94 14.65
CA ALA A 97 -14.61 6.71 13.94
C ALA A 97 -15.73 6.50 14.95
N ARG A 98 -16.86 7.14 14.70
CA ARG A 98 -18.03 7.02 15.56
C ARG A 98 -18.84 5.80 15.17
N ALA A 99 -19.28 5.04 16.17
CA ALA A 99 -19.99 3.80 15.92
C ALA A 99 -21.42 4.07 15.47
N ALA A 100 -21.87 3.30 14.49
CA ALA A 100 -23.26 3.29 14.06
C ALA A 100 -23.66 1.83 13.86
N TYR A 101 -24.97 1.60 13.72
CA TYR A 101 -25.47 0.25 13.55
C TYR A 101 -26.71 0.26 12.68
N TYR A 102 -26.91 -0.85 11.95
CA TYR A 102 -28.09 -0.99 11.11
C TYR A 102 -28.98 -2.11 11.63
N ASP A 103 -28.98 -3.27 10.98
CA ASP A 103 -29.75 -4.42 11.42
C ASP A 103 -28.90 -5.54 11.98
N THR A 104 -27.89 -5.98 11.25
CA THR A 104 -27.10 -7.14 11.64
C THR A 104 -25.61 -6.86 11.75
N SER A 105 -25.18 -5.61 11.54
CA SER A 105 -23.78 -5.26 11.73
C SER A 105 -23.67 -3.74 11.87
N GLY A 106 -22.49 -3.30 12.29
CA GLY A 106 -22.22 -1.89 12.52
C GLY A 106 -21.34 -1.28 11.45
N TYR A 107 -21.22 0.05 11.52
CA TYR A 107 -20.42 0.81 10.58
C TYR A 107 -20.04 2.13 11.24
N GLY A 108 -19.18 2.88 10.56
CA GLY A 108 -18.74 4.18 11.05
C GLY A 108 -19.27 5.31 10.20
N ASP A 109 -20.10 6.18 10.79
CA ASP A 109 -20.73 7.25 10.01
C ASP A 109 -19.90 8.53 9.95
N TYR A 110 -19.01 8.76 10.91
CA TYR A 110 -18.13 9.92 10.89
C TYR A 110 -16.73 9.51 11.31
N TRP A 111 -15.73 10.09 10.63
CA TRP A 111 -14.34 9.74 10.84
C TRP A 111 -13.53 11.00 11.09
N GLY A 112 -12.41 10.84 11.80
CA GLY A 112 -11.45 11.91 11.96
C GLY A 112 -10.47 11.96 10.80
N GLN A 113 -9.57 12.95 10.86
CA GLN A 113 -8.61 13.14 9.77
C GLN A 113 -7.43 12.18 9.87
N GLY A 114 -7.16 11.64 11.04
CA GLY A 114 -6.10 10.65 11.20
C GLY A 114 -4.85 11.24 11.82
N THR A 115 -4.07 10.38 12.47
CA THR A 115 -2.79 10.76 13.02
C THR A 115 -1.78 9.66 12.70
N LEU A 116 -0.57 10.07 12.34
CA LEU A 116 0.45 9.14 11.87
C LEU A 116 1.30 8.63 13.02
N VAL A 117 1.49 7.32 13.07
CA VAL A 117 2.37 6.66 14.03
C VAL A 117 3.41 5.87 13.25
N THR A 118 4.68 6.14 13.53
CA THR A 118 5.80 5.50 12.83
C THR A 118 6.67 4.79 13.85
N VAL A 119 6.69 3.47 13.80
CA VAL A 119 7.53 2.65 14.67
C VAL A 119 8.69 2.14 13.83
N SER A 120 9.89 2.62 14.13
CA SER A 120 11.06 2.27 13.33
C SER A 120 12.31 2.27 14.21
N SER A 121 13.14 1.25 14.03
CA SER A 121 14.46 1.18 14.64
C SER A 121 15.55 1.63 13.68
N ALA A 122 15.18 2.33 12.61
CA ALA A 122 16.14 2.72 11.59
C ALA A 122 16.96 3.91 12.03
N SER A 123 18.25 3.86 11.76
CA SER A 123 19.18 4.94 12.03
C SER A 123 20.00 5.22 10.77
N THR A 124 20.83 6.26 10.81
CA THR A 124 21.64 6.63 9.67
C THR A 124 22.42 5.42 9.16
N LYS A 125 22.32 5.17 7.85
CA LYS A 125 22.95 4.01 7.25
C LYS A 125 23.25 4.30 5.79
N GLY A 126 24.49 4.05 5.37
CA GLY A 126 24.89 4.24 4.00
C GLY A 126 24.44 3.09 3.12
N PRO A 127 24.32 3.34 1.82
CA PRO A 127 23.78 2.33 0.91
C PRO A 127 24.84 1.32 0.48
N SER A 128 24.35 0.17 0.01
CA SER A 128 25.16 -0.82 -0.69
C SER A 128 24.84 -0.71 -2.18
N VAL A 129 25.83 -0.38 -2.98
CA VAL A 129 25.63 -0.11 -4.40
C VAL A 129 26.14 -1.32 -5.19
N PHE A 130 25.27 -1.88 -6.03
CA PHE A 130 25.61 -3.00 -6.89
C PHE A 130 25.35 -2.67 -8.34
N PRO A 131 26.20 -3.12 -9.26
CA PRO A 131 25.99 -2.80 -10.68
C PRO A 131 24.96 -3.72 -11.32
N LEU A 132 24.16 -3.15 -12.21
CA LEU A 132 23.20 -3.90 -13.02
C LEU A 132 23.75 -3.96 -14.44
N ALA A 133 24.36 -5.10 -14.79
CA ALA A 133 25.06 -5.22 -16.05
C ALA A 133 24.11 -4.94 -17.22
N PRO A 134 24.63 -4.37 -18.31
CA PRO A 134 23.74 -4.00 -19.42
C PRO A 134 23.01 -5.19 -20.00
N SER A 135 21.73 -4.98 -20.31
CA SER A 135 20.89 -5.98 -20.97
C SER A 135 20.04 -5.29 -22.01
N SER A 136 19.88 -5.94 -23.16
CA SER A 136 19.07 -5.41 -24.26
C SER A 136 17.81 -6.22 -24.49
N LYS A 137 17.42 -7.08 -23.53
CA LYS A 137 16.23 -7.91 -23.72
C LYS A 137 14.95 -7.09 -23.75
N SER A 138 14.94 -5.89 -23.18
CA SER A 138 13.71 -5.11 -23.05
C SER A 138 13.86 -3.68 -23.55
N THR A 139 14.90 -3.39 -24.31
CA THR A 139 15.16 -2.04 -24.80
C THR A 139 14.87 -1.96 -26.29
N SER A 140 14.86 -0.74 -26.81
CA SER A 140 14.66 -0.52 -28.24
C SER A 140 15.85 -1.05 -29.03
N GLY A 141 15.67 -1.13 -30.35
CA GLY A 141 16.70 -1.62 -31.23
C GLY A 141 17.98 -0.81 -31.15
N GLY A 142 19.11 -1.50 -30.98
CA GLY A 142 20.40 -0.83 -30.96
C GLY A 142 20.76 -0.15 -29.66
N THR A 143 20.07 -0.48 -28.57
CA THR A 143 20.34 0.13 -27.27
C THR A 143 20.32 -0.95 -26.19
N ALA A 144 20.85 -0.59 -25.03
CA ALA A 144 20.92 -1.50 -23.89
C ALA A 144 20.69 -0.71 -22.62
N ALA A 145 20.15 -1.39 -21.61
CA ALA A 145 19.84 -0.77 -20.32
C ALA A 145 20.80 -1.29 -19.25
N LEU A 146 21.42 -0.36 -18.53
CA LEU A 146 22.27 -0.70 -17.40
C LEU A 146 21.95 0.27 -16.27
N GLY A 147 22.33 -0.11 -15.05
CA GLY A 147 21.98 0.72 -13.91
C GLY A 147 22.76 0.36 -12.67
N CYS A 148 22.31 0.94 -11.56
CA CYS A 148 22.90 0.71 -10.25
C CYS A 148 21.79 0.46 -9.24
N LEU A 149 22.02 -0.51 -8.35
CA LEU A 149 21.08 -0.85 -7.29
C LEU A 149 21.60 -0.25 -5.98
N VAL A 150 20.87 0.71 -5.45
CA VAL A 150 21.24 1.41 -4.21
C VAL A 150 20.38 0.81 -3.11
N LYS A 151 20.96 -0.10 -2.32
CA LYS A 151 20.20 -0.97 -1.43
C LYS A 151 20.43 -0.60 0.03
N ASP A 152 19.35 -0.50 0.79
CA ASP A 152 19.37 -0.49 2.26
C ASP A 152 20.14 0.72 2.80
N TYR A 153 19.48 1.89 2.69
CA TYR A 153 20.01 3.12 3.25
C TYR A 153 18.90 3.84 4.01
N PHE A 154 19.31 4.77 4.89
CA PHE A 154 18.35 5.52 5.67
C PHE A 154 19.05 6.72 6.27
N PRO A 155 18.42 7.90 6.34
CA PRO A 155 17.12 8.23 5.75
C PRO A 155 17.25 8.71 4.32
N GLU A 156 16.13 9.09 3.70
CA GLU A 156 16.18 9.73 2.40
C GLU A 156 16.91 11.06 2.51
N PRO A 157 17.40 11.62 1.39
CA PRO A 157 17.45 11.06 0.04
C PRO A 157 18.85 10.64 -0.37
N VAL A 158 18.97 10.04 -1.55
CA VAL A 158 20.25 9.79 -2.20
C VAL A 158 20.17 10.37 -3.61
N THR A 159 21.28 10.93 -4.08
CA THR A 159 21.37 11.43 -5.43
C THR A 159 22.20 10.46 -6.27
N VAL A 160 21.75 10.25 -7.52
CA VAL A 160 22.42 9.35 -8.45
C VAL A 160 22.63 10.10 -9.75
N SER A 161 23.89 10.30 -10.11
CA SER A 161 24.27 10.85 -11.41
C SER A 161 25.09 9.81 -12.16
N TRP A 162 25.33 10.07 -13.44
CA TRP A 162 26.07 9.17 -14.30
C TRP A 162 27.19 9.92 -14.99
N ASN A 163 28.39 9.33 -14.96
CA ASN A 163 29.57 9.95 -15.56
C ASN A 163 29.73 11.40 -15.09
N SER A 164 29.64 11.59 -13.78
CA SER A 164 29.85 12.89 -13.15
C SER A 164 28.92 13.95 -13.74
N GLY A 165 27.71 13.55 -14.12
CA GLY A 165 26.74 14.47 -14.66
C GLY A 165 26.80 14.65 -16.17
N ALA A 166 27.77 14.04 -16.84
CA ALA A 166 27.88 14.16 -18.29
C ALA A 166 26.85 13.33 -19.04
N LEU A 167 26.23 12.36 -18.37
CA LEU A 167 25.26 11.46 -18.99
C LEU A 167 23.90 11.72 -18.33
N THR A 168 23.00 12.35 -19.07
CA THR A 168 21.67 12.68 -18.57
C THR A 168 20.55 12.12 -19.42
N SER A 169 20.74 11.99 -20.73
CA SER A 169 19.68 11.48 -21.59
C SER A 169 19.49 9.99 -21.37
N GLY A 170 18.23 9.58 -21.17
CA GLY A 170 17.91 8.19 -20.96
C GLY A 170 18.05 7.70 -19.54
N VAL A 171 18.34 8.59 -18.59
CA VAL A 171 18.45 8.22 -17.18
C VAL A 171 17.07 8.24 -16.55
N HIS A 172 16.75 7.18 -15.81
CA HIS A 172 15.47 7.10 -15.09
CA HIS A 172 15.48 7.10 -15.09
C HIS A 172 15.77 6.56 -13.69
N THR A 173 15.80 7.45 -12.70
CA THR A 173 16.02 7.07 -11.32
C THR A 173 14.65 6.86 -10.66
N PHE A 174 14.36 5.61 -10.31
CA PHE A 174 13.04 5.27 -9.79
C PHE A 174 12.89 5.69 -8.33
N PRO A 175 11.69 6.07 -7.91
CA PRO A 175 11.47 6.38 -6.49
C PRO A 175 11.81 5.18 -5.61
N ALA A 176 12.27 5.47 -4.41
CA ALA A 176 12.73 4.43 -3.50
C ALA A 176 11.56 3.72 -2.84
N VAL A 177 11.80 2.46 -2.47
CA VAL A 177 10.85 1.66 -1.71
C VAL A 177 11.25 1.71 -0.24
N LEU A 178 10.26 1.87 0.63
CA LEU A 178 10.50 1.77 2.08
C LEU A 178 10.20 0.34 2.48
N GLN A 179 11.25 -0.45 2.64
CA GLN A 179 11.10 -1.87 2.93
C GLN A 179 10.58 -2.08 4.35
N SER A 180 10.06 -3.29 4.60
CA SER A 180 9.59 -3.62 5.93
C SER A 180 10.70 -3.53 6.97
N SER A 181 11.96 -3.61 6.54
CA SER A 181 13.08 -3.45 7.46
C SER A 181 13.27 -2.00 7.90
N GLY A 182 12.51 -1.06 7.34
CA GLY A 182 12.67 0.34 7.66
C GLY A 182 13.70 1.06 6.81
N LEU A 183 14.40 0.37 5.92
CA LEU A 183 15.44 0.96 5.10
C LEU A 183 14.93 1.16 3.68
N TYR A 184 15.53 2.13 2.99
CA TYR A 184 15.13 2.47 1.63
C TYR A 184 15.98 1.73 0.61
N SER A 185 15.45 1.63 -0.61
CA SER A 185 16.19 1.09 -1.74
C SER A 185 15.61 1.69 -3.01
N LEU A 186 16.49 2.04 -3.96
CA LEU A 186 16.05 2.52 -5.25
C LEU A 186 16.96 1.96 -6.33
N SER A 187 16.56 2.17 -7.58
CA SER A 187 17.35 1.78 -8.74
C SER A 187 17.43 2.94 -9.71
N SER A 188 18.59 3.09 -10.35
CA SER A 188 18.80 4.06 -11.40
C SER A 188 19.31 3.32 -12.63
N VAL A 189 18.61 3.49 -13.75
CA VAL A 189 18.91 2.77 -14.99
C VAL A 189 19.04 3.78 -16.11
N VAL A 190 20.02 3.56 -16.99
CA VAL A 190 20.27 4.42 -18.14
C VAL A 190 20.24 3.56 -19.40
N THR A 191 19.61 4.08 -20.44
CA THR A 191 19.57 3.42 -21.75
C THR A 191 20.66 4.03 -22.63
N VAL A 192 21.54 3.17 -23.14
CA VAL A 192 22.70 3.63 -23.90
C VAL A 192 22.79 2.81 -25.18
N PRO A 193 23.50 3.32 -26.20
CA PRO A 193 23.66 2.54 -27.43
C PRO A 193 24.50 1.29 -27.18
N SER A 194 24.05 0.17 -27.75
CA SER A 194 24.73 -1.09 -27.55
C SER A 194 26.16 -1.06 -28.10
N SER A 195 26.38 -0.29 -29.18
CA SER A 195 27.70 -0.26 -29.81
C SER A 195 28.74 0.42 -28.94
N SER A 196 28.33 1.15 -27.91
CA SER A 196 29.26 1.87 -27.05
C SER A 196 29.69 1.08 -25.82
N LEU A 197 29.17 -0.13 -25.63
CA LEU A 197 29.47 -0.88 -24.41
C LEU A 197 30.91 -1.37 -24.41
N GLY A 198 31.45 -1.73 -25.56
CA GLY A 198 32.80 -2.24 -25.63
C GLY A 198 33.88 -1.20 -25.38
N THR A 199 33.52 0.09 -25.35
CA THR A 199 34.50 1.15 -25.17
C THR A 199 34.10 2.11 -24.06
N GLN A 200 33.01 2.86 -24.27
CA GLN A 200 32.60 3.88 -23.31
C GLN A 200 32.37 3.24 -21.94
N THR A 201 32.98 3.85 -20.92
CA THR A 201 32.79 3.42 -19.55
C THR A 201 31.60 4.16 -18.94
N TYR A 202 30.84 3.44 -18.13
CA TYR A 202 29.67 4.00 -17.46
C TYR A 202 29.81 3.82 -15.96
N ILE A 203 29.68 4.93 -15.22
CA ILE A 203 29.88 4.96 -13.77
C ILE A 203 28.73 5.75 -13.17
N CYS A 204 28.09 5.18 -12.15
CA CYS A 204 27.03 5.86 -11.41
C CYS A 204 27.62 6.45 -10.14
N ASN A 205 27.32 7.72 -9.88
CA ASN A 205 27.81 8.45 -8.73
C ASN A 205 26.69 8.56 -7.71
N VAL A 206 26.81 7.82 -6.61
CA VAL A 206 25.80 7.79 -5.56
C VAL A 206 26.31 8.62 -4.38
N ASN A 207 25.45 9.50 -3.86
CA ASN A 207 25.80 10.35 -2.73
C ASN A 207 24.66 10.31 -1.72
N HIS A 208 24.97 9.88 -0.50
CA HIS A 208 24.00 9.84 0.60
C HIS A 208 24.53 10.77 1.69
N LYS A 209 24.13 12.05 1.61
CA LYS A 209 24.64 13.03 2.56
C LYS A 209 24.36 12.67 4.01
N PRO A 210 23.18 12.17 4.39
CA PRO A 210 22.94 11.86 5.81
C PRO A 210 24.05 11.05 6.47
N SER A 211 24.63 10.09 5.75
CA SER A 211 25.75 9.30 6.27
C SER A 211 27.09 9.75 5.71
N ASN A 212 27.11 10.78 4.85
CA ASN A 212 28.32 11.25 4.21
C ASN A 212 29.04 10.09 3.50
N THR A 213 28.27 9.32 2.76
CA THR A 213 28.79 8.21 1.96
C THR A 213 28.68 8.56 0.48
N LYS A 214 29.74 8.25 -0.27
CA LYS A 214 29.78 8.49 -1.70
C LYS A 214 30.38 7.26 -2.38
N VAL A 215 29.72 6.79 -3.44
CA VAL A 215 30.14 5.60 -4.15
C VAL A 215 30.13 5.89 -5.65
N ASP A 216 31.21 5.53 -6.33
CA ASP A 216 31.31 5.57 -7.79
C ASP A 216 31.44 4.12 -8.26
N LYS A 217 30.36 3.56 -8.79
CA LYS A 217 30.31 2.16 -9.17
C LYS A 217 30.40 2.04 -10.69
N LYS A 218 31.44 1.36 -11.16
CA LYS A 218 31.61 1.09 -12.57
C LYS A 218 30.75 -0.10 -12.97
N VAL A 219 29.96 0.06 -14.01
CA VAL A 219 29.05 -0.97 -14.51
C VAL A 219 29.65 -1.52 -15.80
N GLU A 220 30.15 -2.75 -15.75
CA GLU A 220 30.81 -3.39 -16.88
C GLU A 220 29.90 -4.39 -17.56
N PRO A 221 30.12 -4.69 -18.83
CA PRO A 221 29.32 -5.72 -19.50
C PRO A 221 29.50 -7.09 -18.86
N LYS A 222 28.51 -7.96 -19.10
CA LYS A 222 28.50 -9.29 -18.52
C LYS A 222 29.49 -10.20 -19.24
N SER A 223 29.63 -11.42 -18.75
CA SER A 223 30.53 -12.40 -19.36
C SER A 223 30.07 -12.77 -20.75
N PCA B 1 -4.44 -12.48 3.60
CA PCA B 1 -5.30 -11.66 2.68
CB PCA B 1 -5.68 -12.48 1.45
CG PCA B 1 -5.11 -13.86 1.64
CD PCA B 1 -4.37 -13.78 2.93
OE PCA B 1 -3.73 -14.74 3.38
C PCA B 1 -6.56 -11.21 3.39
O PCA B 1 -6.95 -11.76 4.41
H PCA B 1 -3.71 -12.75 3.16
HA PCA B 1 -4.79 -10.89 2.39
HB2 PCA B 1 -6.66 -12.50 1.34
HB3 PCA B 1 -5.29 -12.06 0.65
HG2 PCA B 1 -5.83 -14.53 1.67
HG3 PCA B 1 -4.50 -14.09 0.90
N SER B 2 -7.21 -10.18 2.83
CA SER B 2 -8.43 -9.63 3.40
C SER B 2 -9.53 -10.69 3.45
N VAL B 3 -10.33 -10.65 4.50
CA VAL B 3 -11.42 -11.61 4.64
C VAL B 3 -12.44 -11.41 3.53
N LEU B 4 -12.68 -10.17 3.14
CA LEU B 4 -13.52 -9.84 2.00
C LEU B 4 -12.61 -9.51 0.81
N THR B 5 -12.90 -10.12 -0.33
CA THR B 5 -12.06 -10.01 -1.51
C THR B 5 -12.60 -8.92 -2.43
N GLN B 6 -11.77 -7.94 -2.73
CA GLN B 6 -12.07 -6.91 -3.71
C GLN B 6 -11.04 -6.93 -4.82
N PRO B 7 -11.40 -6.49 -6.02
CA PRO B 7 -10.39 -6.30 -7.07
C PRO B 7 -9.49 -5.13 -6.73
N PRO B 8 -8.19 -5.22 -6.97
CA PRO B 8 -7.30 -4.12 -6.58
C PRO B 8 -7.58 -2.83 -7.33
N SER B 9 -8.11 -2.90 -8.55
CA SER B 9 -8.29 -1.70 -9.36
C SER B 9 -9.41 -1.91 -10.35
N VAL B 10 -10.09 -0.81 -10.66
CA VAL B 10 -11.06 -0.75 -11.74
C VAL B 10 -10.92 0.63 -12.39
N SER B 11 -11.31 0.72 -13.66
CA SER B 11 -11.21 1.97 -14.39
C SER B 11 -12.39 2.12 -15.33
N GLY B 12 -12.68 3.38 -15.67
CA GLY B 12 -13.72 3.68 -16.64
C GLY B 12 -13.57 5.09 -17.13
N ALA B 13 -14.17 5.35 -18.29
CA ALA B 13 -14.11 6.68 -18.87
C ALA B 13 -15.24 7.54 -18.32
N PRO B 14 -15.13 8.86 -18.43
CA PRO B 14 -16.21 9.73 -17.94
C PRO B 14 -17.54 9.39 -18.61
N GLY B 15 -18.60 9.34 -17.80
CA GLY B 15 -19.92 9.03 -18.29
C GLY B 15 -20.27 7.55 -18.29
N GLN B 16 -19.30 6.67 -18.08
CA GLN B 16 -19.55 5.24 -18.08
C GLN B 16 -19.97 4.76 -16.69
N THR B 17 -20.36 3.49 -16.63
CA THR B 17 -20.73 2.83 -15.38
C THR B 17 -19.69 1.79 -15.03
N VAL B 18 -19.36 1.70 -13.75
CA VAL B 18 -18.41 0.70 -13.26
C VAL B 18 -19.01 0.01 -12.04
N THR B 19 -18.58 -1.22 -11.80
CA THR B 19 -19.02 -1.99 -10.65
C THR B 19 -17.81 -2.53 -9.90
N ILE B 20 -17.91 -2.57 -8.58
CA ILE B 20 -16.86 -3.09 -7.71
C ILE B 20 -17.48 -4.17 -6.83
N SER B 21 -16.91 -5.37 -6.89
CA SER B 21 -17.46 -6.51 -6.16
C SER B 21 -16.77 -6.68 -4.82
N CYS B 22 -17.47 -7.38 -3.91
CA CYS B 22 -16.97 -7.67 -2.57
C CYS B 22 -17.41 -9.09 -2.24
N THR B 23 -16.50 -10.06 -2.41
CA THR B 23 -16.82 -11.46 -2.22
C THR B 23 -16.45 -11.89 -0.81
N GLY B 24 -17.40 -12.53 -0.14
CA GLY B 24 -17.21 -12.99 1.23
C GLY B 24 -17.38 -14.49 1.37
N GLY B 25 -18.02 -14.92 2.46
CA GLY B 25 -18.21 -16.32 2.71
C GLY B 25 -19.39 -16.56 3.63
N SER B 26 -19.56 -17.83 4.01
CA SER B 26 -20.68 -18.25 4.83
C SER B 26 -20.61 -17.72 6.26
N SER B 27 -19.49 -17.14 6.67
CA SER B 27 -19.34 -16.64 8.03
C SER B 27 -19.44 -15.12 8.12
N ASN B 28 -19.55 -14.42 7.00
CA ASN B 28 -19.75 -12.97 7.03
C ASN B 28 -20.94 -12.58 6.17
N ILE B 29 -20.69 -12.21 4.91
CA ILE B 29 -21.78 -11.76 4.04
C ILE B 29 -22.80 -12.87 3.84
N GLY B 30 -22.33 -14.12 3.70
CA GLY B 30 -23.22 -15.23 3.51
C GLY B 30 -24.13 -15.50 4.70
N ALA B 31 -23.76 -14.99 5.87
CA ALA B 31 -24.55 -15.21 7.09
C ALA B 31 -25.59 -14.12 7.33
N GLY B 32 -25.69 -13.14 6.44
CA GLY B 32 -26.68 -12.10 6.57
C GLY B 32 -26.21 -10.84 7.26
N TYR B 33 -24.93 -10.73 7.58
CA TYR B 33 -24.43 -9.51 8.22
C TYR B 33 -24.37 -8.37 7.21
N ASP B 34 -24.85 -7.20 7.61
CA ASP B 34 -24.95 -6.08 6.70
C ASP B 34 -23.57 -5.70 6.16
N VAL B 35 -23.58 -5.17 4.94
CA VAL B 35 -22.37 -4.72 4.25
C VAL B 35 -22.44 -3.20 4.11
N HIS B 36 -21.29 -2.55 4.21
CA HIS B 36 -21.20 -1.10 4.09
C HIS B 36 -19.98 -0.75 3.25
N TRP B 37 -20.02 0.44 2.66
CA TRP B 37 -18.97 0.89 1.76
C TRP B 37 -18.45 2.26 2.19
N TYR B 38 -17.17 2.48 1.93
CA TYR B 38 -16.52 3.75 2.24
C TYR B 38 -15.75 4.23 1.02
N GLN B 39 -15.67 5.55 0.89
CA GLN B 39 -14.88 6.20 -0.16
C GLN B 39 -13.73 6.96 0.48
N GLN B 40 -12.51 6.71 0.00
CA GLN B 40 -11.31 7.37 0.53
C GLN B 40 -10.62 8.09 -0.62
N LEU B 41 -10.82 9.41 -0.69
CA LEU B 41 -10.12 10.22 -1.66
C LEU B 41 -8.62 10.22 -1.37
N PRO B 42 -7.78 10.52 -2.37
CA PRO B 42 -6.33 10.50 -2.14
C PRO B 42 -5.92 11.44 -1.02
N GLY B 43 -5.17 10.90 -0.06
CA GLY B 43 -4.64 11.70 1.02
C GLY B 43 -5.67 12.14 2.05
N THR B 44 -6.82 11.49 2.11
CA THR B 44 -7.88 11.86 3.04
C THR B 44 -8.36 10.63 3.78
N ALA B 45 -9.10 10.87 4.87
CA ALA B 45 -9.66 9.79 5.64
C ALA B 45 -10.86 9.18 4.93
N PRO B 46 -11.23 7.95 5.27
CA PRO B 46 -12.43 7.34 4.66
C PRO B 46 -13.69 8.10 5.03
N LYS B 47 -14.67 8.04 4.14
CA LYS B 47 -15.99 8.61 4.38
C LYS B 47 -17.04 7.57 4.04
N LEU B 48 -18.12 7.55 4.82
CA LEU B 48 -19.21 6.61 4.57
C LEU B 48 -19.85 6.91 3.22
N LEU B 49 -19.98 5.88 2.39
CA LEU B 49 -20.59 5.98 1.07
C LEU B 49 -21.90 5.23 0.96
N ILE B 50 -21.95 4.01 1.48
CA ILE B 50 -23.17 3.21 1.53
C ILE B 50 -23.23 2.55 2.89
N TYR B 51 -24.44 2.46 3.46
CA TYR B 51 -24.65 1.77 4.72
C TYR B 51 -25.89 0.90 4.62
N GLY B 52 -25.90 -0.17 5.39
CA GLY B 52 -27.02 -1.10 5.34
C GLY B 52 -27.25 -1.70 3.96
N ASN B 53 -26.16 -1.98 3.24
CA ASN B 53 -26.20 -2.67 1.96
C ASN B 53 -26.60 -1.76 0.79
N ILE B 54 -27.63 -0.93 0.97
CA ILE B 54 -28.26 -0.24 -0.15
C ILE B 54 -28.52 1.23 0.13
N ASN B 55 -28.25 1.73 1.33
CA ASN B 55 -28.66 3.08 1.70
C ASN B 55 -27.54 4.08 1.47
N ARG B 56 -27.90 5.22 0.89
CA ARG B 56 -26.99 6.35 0.71
C ARG B 56 -27.15 7.34 1.85
N PRO B 57 -26.07 7.80 2.48
CA PRO B 57 -26.19 9.01 3.30
C PRO B 57 -26.74 10.14 2.45
N SER B 58 -27.53 11.02 3.10
CA SER B 58 -28.20 12.07 2.35
C SER B 58 -27.23 12.93 1.55
N GLY B 59 -25.95 12.96 1.92
CA GLY B 59 -24.96 13.74 1.23
C GLY B 59 -24.29 13.08 0.06
N VAL B 60 -24.60 11.81 -0.22
CA VAL B 60 -23.96 11.09 -1.32
C VAL B 60 -24.82 11.21 -2.58
N PRO B 61 -24.26 11.59 -3.72
CA PRO B 61 -25.06 11.69 -4.94
C PRO B 61 -25.72 10.36 -5.29
N ASP B 62 -26.78 10.44 -6.11
CA ASP B 62 -27.56 9.27 -6.47
C ASP B 62 -26.87 8.39 -7.52
N ARG B 63 -25.65 8.74 -7.94
CA ARG B 63 -24.91 7.91 -8.89
C ARG B 63 -24.31 6.68 -8.22
N PHE B 64 -24.22 6.67 -6.89
CA PHE B 64 -23.65 5.54 -6.14
C PHE B 64 -24.78 4.66 -5.62
N SER B 65 -24.64 3.36 -5.83
CA SER B 65 -25.65 2.41 -5.35
C SER B 65 -24.97 1.11 -4.97
N GLY B 66 -25.59 0.39 -4.03
CA GLY B 66 -25.06 -0.87 -3.56
C GLY B 66 -26.13 -1.95 -3.59
N SER B 67 -25.65 -3.19 -3.59
CA SER B 67 -26.54 -4.35 -3.59
C SER B 67 -25.74 -5.55 -3.10
N LYS B 68 -26.46 -6.64 -2.83
CA LYS B 68 -25.80 -7.87 -2.43
C LYS B 68 -26.68 -9.06 -2.77
N SER B 69 -26.04 -10.21 -2.97
CA SER B 69 -26.75 -11.45 -3.28
C SER B 69 -25.88 -12.61 -2.85
N GLY B 70 -26.44 -13.51 -2.06
CA GLY B 70 -25.68 -14.67 -1.60
C GLY B 70 -24.53 -14.23 -0.73
N THR B 71 -23.31 -14.52 -1.17
CA THR B 71 -22.09 -14.24 -0.42
C THR B 71 -21.29 -13.09 -1.01
N SER B 72 -21.89 -12.28 -1.89
CA SER B 72 -21.20 -11.19 -2.55
C SER B 72 -22.02 -9.93 -2.48
N ALA B 73 -21.30 -8.79 -2.47
CA ALA B 73 -21.91 -7.47 -2.54
C ALA B 73 -21.22 -6.68 -3.64
N SER B 74 -21.94 -5.69 -4.17
CA SER B 74 -21.45 -4.91 -5.30
C SER B 74 -21.76 -3.44 -5.11
N LEU B 75 -20.79 -2.61 -5.47
CA LEU B 75 -20.95 -1.16 -5.53
C LEU B 75 -20.94 -0.73 -6.98
N ALA B 76 -21.94 0.05 -7.40
CA ALA B 76 -22.05 0.52 -8.76
C ALA B 76 -21.98 2.04 -8.78
N ILE B 77 -21.29 2.58 -9.77
CA ILE B 77 -21.14 4.02 -9.95
C ILE B 77 -21.47 4.34 -11.40
N THR B 78 -22.55 5.09 -11.62
CA THR B 78 -22.95 5.50 -12.96
C THR B 78 -22.48 6.92 -13.24
N GLY B 79 -22.45 7.26 -14.53
CA GLY B 79 -22.03 8.59 -14.96
C GLY B 79 -20.73 9.04 -14.32
N LEU B 80 -19.66 8.27 -14.52
CA LEU B 80 -18.40 8.53 -13.83
C LEU B 80 -17.96 9.98 -14.01
N GLN B 81 -17.51 10.57 -12.91
CA GLN B 81 -16.92 11.90 -12.90
C GLN B 81 -15.49 11.80 -12.39
N ALA B 82 -14.64 12.71 -12.85
CA ALA B 82 -13.25 12.73 -12.40
C ALA B 82 -13.15 12.78 -10.88
N GLU B 83 -14.13 13.42 -10.23
CA GLU B 83 -14.12 13.51 -8.77
C GLU B 83 -14.28 12.16 -8.09
N ASP B 84 -14.75 11.14 -8.82
CA ASP B 84 -14.96 9.83 -8.22
C ASP B 84 -13.65 9.06 -7.98
N GLU B 85 -12.53 9.56 -8.50
CA GLU B 85 -11.26 8.86 -8.35
C GLU B 85 -10.90 8.73 -6.87
N ALA B 86 -10.82 7.48 -6.41
CA ALA B 86 -10.58 7.22 -4.98
C ALA B 86 -10.44 5.72 -4.74
N ASP B 87 -10.13 5.35 -3.49
CA ASP B 87 -10.14 3.96 -3.07
C ASP B 87 -11.46 3.65 -2.38
N TYR B 88 -12.04 2.49 -2.71
CA TYR B 88 -13.34 2.09 -2.19
C TYR B 88 -13.20 0.79 -1.41
N TYR B 89 -13.73 0.77 -0.20
CA TYR B 89 -13.65 -0.37 0.71
C TYR B 89 -15.06 -0.85 1.07
N CYS B 90 -15.26 -2.16 1.06
CA CYS B 90 -16.43 -2.76 1.66
C CYS B 90 -16.12 -3.18 3.10
N GLN B 91 -17.16 -3.38 3.89
CA GLN B 91 -16.98 -3.65 5.30
C GLN B 91 -18.20 -4.39 5.83
N SER B 92 -17.96 -5.33 6.74
CA SER B 92 -19.05 -6.13 7.31
C SER B 92 -18.57 -6.68 8.66
N TYR B 93 -19.11 -7.84 9.05
CA TYR B 93 -18.68 -8.53 10.27
C TYR B 93 -18.51 -10.00 9.96
N ASP B 94 -17.53 -10.63 10.61
CA ASP B 94 -17.24 -12.04 10.40
C ASP B 94 -17.37 -12.79 11.72
N ARG B 95 -18.10 -13.90 11.68
CA ARG B 95 -18.42 -14.67 12.89
C ARG B 95 -17.21 -15.36 13.50
N ARG B 96 -16.13 -15.51 12.72
CA ARG B 96 -14.95 -16.24 13.18
C ARG B 96 -13.92 -15.35 13.88
N LEU B 97 -14.03 -14.04 13.75
CA LEU B 97 -13.03 -13.12 14.27
C LEU B 97 -13.55 -12.43 15.53
N SER B 98 -12.61 -11.87 16.28
CA SER B 98 -12.89 -11.22 17.55
C SER B 98 -13.21 -9.75 17.42
N GLY B 99 -13.35 -9.24 16.20
CA GLY B 99 -13.55 -7.82 15.98
C GLY B 99 -14.96 -7.44 15.58
N SER B 100 -15.29 -6.15 15.71
CA SER B 100 -16.61 -5.66 15.35
C SER B 100 -16.75 -5.48 13.85
N TRP B 101 -15.69 -5.04 13.18
CA TRP B 101 -15.70 -4.82 11.74
C TRP B 101 -14.67 -5.72 11.08
N VAL B 102 -14.87 -5.94 9.78
CA VAL B 102 -13.88 -6.56 8.91
C VAL B 102 -13.94 -5.84 7.57
N PHE B 103 -12.78 -5.55 7.01
CA PHE B 103 -12.67 -4.75 5.79
C PHE B 103 -12.27 -5.61 4.60
N GLY B 104 -12.61 -5.13 3.41
CA GLY B 104 -12.04 -5.66 2.19
C GLY B 104 -10.71 -5.00 1.87
N GLY B 105 -10.00 -5.60 0.91
CA GLY B 105 -8.69 -5.10 0.54
C GLY B 105 -8.70 -3.72 -0.09
N GLY B 106 -9.85 -3.28 -0.59
CA GLY B 106 -9.93 -1.98 -1.23
C GLY B 106 -9.74 -2.06 -2.74
N THR B 107 -10.36 -1.11 -3.43
CA THR B 107 -10.32 -1.04 -4.89
C THR B 107 -9.99 0.40 -5.30
N LYS B 108 -8.95 0.55 -6.11
CA LYS B 108 -8.56 1.87 -6.63
C LYS B 108 -9.32 2.15 -7.91
N LEU B 109 -10.10 3.23 -7.91
CA LEU B 109 -10.89 3.64 -9.07
C LEU B 109 -10.17 4.76 -9.81
N THR B 110 -9.89 4.55 -11.09
CA THR B 110 -9.30 5.56 -11.95
C THR B 110 -10.32 6.01 -12.97
N VAL B 111 -10.51 7.31 -13.09
CA VAL B 111 -11.36 7.91 -14.12
C VAL B 111 -10.45 8.35 -15.26
N LEU B 112 -10.57 7.70 -16.41
CA LEU B 112 -9.63 7.90 -17.49
C LEU B 112 -9.63 9.34 -17.96
N GLY B 113 -8.47 10.01 -17.82
CA GLY B 113 -8.28 11.35 -18.34
C GLY B 113 -7.36 11.33 -19.56
N GLN B 114 -6.94 10.14 -19.96
CA GLN B 114 -6.06 9.97 -21.11
C GLN B 114 -6.13 8.50 -21.53
N PRO B 115 -5.70 8.18 -22.76
CA PRO B 115 -5.74 6.79 -23.19
C PRO B 115 -4.88 5.89 -22.30
N LYS B 116 -5.31 4.64 -22.17
CA LYS B 116 -4.56 3.68 -21.37
C LYS B 116 -3.16 3.48 -21.96
N ALA B 117 -2.20 3.24 -21.08
CA ALA B 117 -0.82 3.02 -21.46
C ALA B 117 -0.32 1.74 -20.79
N ALA B 118 0.24 0.84 -21.59
CA ALA B 118 0.70 -0.44 -21.07
C ALA B 118 2.09 -0.30 -20.46
N PRO B 119 2.41 -1.12 -19.45
CA PRO B 119 3.71 -0.99 -18.78
C PRO B 119 4.84 -1.64 -19.55
N SER B 120 6.02 -1.04 -19.43
CA SER B 120 7.27 -1.64 -19.85
C SER B 120 7.96 -2.25 -18.64
N VAL B 121 8.48 -3.47 -18.81
CA VAL B 121 9.04 -4.24 -17.70
C VAL B 121 10.50 -4.56 -18.02
N THR B 122 11.38 -4.26 -17.06
CA THR B 122 12.79 -4.65 -17.13
C THR B 122 13.13 -5.44 -15.87
N LEU B 123 13.68 -6.64 -16.07
CA LEU B 123 14.03 -7.54 -14.97
C LEU B 123 15.54 -7.75 -14.95
N PHE B 124 16.17 -7.41 -13.83
CA PHE B 124 17.59 -7.64 -13.64
C PHE B 124 17.81 -8.77 -12.66
N PRO B 125 18.68 -9.73 -12.94
CA PRO B 125 18.98 -10.76 -11.95
C PRO B 125 19.97 -10.24 -10.92
N PRO B 126 20.28 -11.03 -9.90
CA PRO B 126 21.33 -10.61 -8.95
C PRO B 126 22.69 -10.51 -9.65
N SER B 127 23.41 -9.44 -9.36
CA SER B 127 24.75 -9.28 -9.90
C SER B 127 25.71 -10.24 -9.21
N SER B 128 26.74 -10.65 -9.94
CA SER B 128 27.76 -11.52 -9.36
C SER B 128 28.49 -10.84 -8.21
N GLU B 129 28.52 -9.49 -8.18
CA GLU B 129 29.12 -8.79 -7.06
C GLU B 129 28.27 -8.95 -5.80
N GLU B 130 26.96 -8.75 -5.92
CA GLU B 130 26.08 -8.92 -4.76
C GLU B 130 26.14 -10.36 -4.26
N LEU B 131 26.18 -11.33 -5.17
CA LEU B 131 26.27 -12.72 -4.76
C LEU B 131 27.58 -13.00 -4.03
N GLN B 132 28.66 -12.35 -4.45
CA GLN B 132 29.91 -12.46 -3.71
C GLN B 132 29.82 -11.80 -2.33
N ALA B 133 28.91 -10.86 -2.16
CA ALA B 133 28.61 -10.30 -0.85
C ALA B 133 27.60 -11.15 -0.09
N ASN B 134 27.30 -12.35 -0.57
CA ASN B 134 26.39 -13.28 0.10
C ASN B 134 24.97 -12.71 0.17
N LYS B 135 24.54 -12.07 -0.92
CA LYS B 135 23.19 -11.52 -1.01
C LYS B 135 22.70 -11.68 -2.45
N ALA B 136 21.40 -11.47 -2.63
CA ALA B 136 20.80 -11.61 -3.96
C ALA B 136 19.50 -10.81 -4.00
N THR B 137 19.39 -9.88 -4.95
CA THR B 137 18.20 -9.07 -5.12
C THR B 137 17.80 -9.07 -6.59
N LEU B 138 16.59 -9.52 -6.88
CA LEU B 138 16.01 -9.38 -8.20
C LEU B 138 15.27 -8.06 -8.31
N VAL B 139 15.46 -7.37 -9.42
CA VAL B 139 14.94 -6.02 -9.62
C VAL B 139 13.99 -6.02 -10.80
N CYS B 140 12.73 -5.68 -10.55
CA CYS B 140 11.70 -5.62 -11.59
C CYS B 140 11.17 -4.18 -11.64
N LEU B 141 11.47 -3.48 -12.73
CA LEU B 141 11.13 -2.08 -12.90
C LEU B 141 10.00 -1.93 -13.90
N VAL B 142 8.93 -1.25 -13.48
CA VAL B 142 7.73 -1.07 -14.29
C VAL B 142 7.53 0.42 -14.52
N SER B 143 7.37 0.80 -15.79
CA SER B 143 7.32 2.21 -16.15
C SER B 143 6.31 2.46 -17.26
N ASP B 144 5.79 3.69 -17.29
CA ASP B 144 5.05 4.22 -18.44
C ASP B 144 3.68 3.57 -18.60
N PHE B 145 2.96 3.41 -17.49
CA PHE B 145 1.65 2.79 -17.52
C PHE B 145 0.60 3.73 -16.92
N TYR B 146 -0.62 3.58 -17.43
CA TYR B 146 -1.79 4.31 -16.95
C TYR B 146 -3.04 3.50 -17.26
N PRO B 147 -3.99 3.34 -16.31
CA PRO B 147 -4.08 3.85 -14.93
C PRO B 147 -2.90 3.45 -14.04
N GLY B 148 -2.64 4.28 -13.03
CA GLY B 148 -1.57 4.02 -12.08
C GLY B 148 -1.93 2.92 -11.10
N ALA B 149 -2.20 1.72 -11.62
CA ALA B 149 -2.52 0.58 -10.79
C ALA B 149 -1.94 -0.66 -11.44
N VAL B 150 -1.17 -1.43 -10.69
CA VAL B 150 -0.47 -2.59 -11.23
C VAL B 150 -0.35 -3.65 -10.13
N THR B 151 -0.32 -4.91 -10.55
CA THR B 151 -0.10 -6.04 -9.67
C THR B 151 1.18 -6.74 -10.09
N VAL B 152 2.10 -6.93 -9.14
CA VAL B 152 3.38 -7.57 -9.39
C VAL B 152 3.40 -8.89 -8.62
N ALA B 153 3.65 -9.99 -9.34
CA ALA B 153 3.68 -11.31 -8.75
C ALA B 153 4.99 -11.98 -9.11
N TRP B 154 5.69 -12.50 -8.12
CA TRP B 154 6.95 -13.20 -8.33
C TRP B 154 6.72 -14.71 -8.33
N LYS B 155 7.51 -15.40 -9.14
CA LYS B 155 7.42 -16.85 -9.26
C LYS B 155 8.81 -17.46 -9.17
N ALA B 156 8.87 -18.66 -8.58
CA ALA B 156 10.08 -19.47 -8.54
C ALA B 156 9.76 -20.80 -9.22
N ASP B 157 10.24 -20.97 -10.44
CA ASP B 157 9.90 -22.14 -11.26
C ASP B 157 8.38 -22.25 -11.43
N GLY B 158 7.73 -21.10 -11.55
CA GLY B 158 6.29 -21.05 -11.78
C GLY B 158 5.44 -21.03 -10.53
N SER B 159 6.03 -21.21 -9.35
CA SER B 159 5.25 -21.23 -8.12
C SER B 159 5.28 -19.85 -7.45
N PRO B 160 4.17 -19.40 -6.85
CA PRO B 160 4.16 -18.05 -6.28
C PRO B 160 5.18 -17.88 -5.16
N VAL B 161 5.66 -16.64 -5.02
CA VAL B 161 6.57 -16.26 -3.95
C VAL B 161 6.01 -15.01 -3.28
N LYS B 162 6.00 -15.01 -1.95
CA LYS B 162 5.55 -13.86 -1.17
C LYS B 162 6.62 -13.33 -0.22
N VAL B 163 7.37 -14.21 0.43
CA VAL B 163 8.41 -13.76 1.35
C VAL B 163 9.48 -13.02 0.58
N GLY B 164 9.90 -11.88 1.12
CA GLY B 164 10.99 -11.11 0.53
C GLY B 164 10.60 -10.18 -0.59
N VAL B 165 9.30 -9.97 -0.83
CA VAL B 165 8.84 -9.09 -1.90
C VAL B 165 8.59 -7.71 -1.32
N GLU B 166 9.15 -6.69 -1.97
CA GLU B 166 8.95 -5.30 -1.60
C GLU B 166 8.59 -4.52 -2.86
N THR B 167 7.38 -4.00 -2.92
CA THR B 167 6.87 -3.32 -4.10
C THR B 167 6.39 -1.93 -3.73
N THR B 168 6.72 -0.95 -4.57
CA THR B 168 6.33 0.42 -4.32
C THR B 168 4.91 0.68 -4.79
N LYS B 169 4.34 1.78 -4.32
CA LYS B 169 3.11 2.28 -4.89
C LYS B 169 3.44 3.05 -6.17
N PRO B 170 2.56 3.01 -7.18
CA PRO B 170 2.82 3.76 -8.41
C PRO B 170 2.95 5.26 -8.11
N SER B 171 3.88 5.91 -8.81
CA SER B 171 4.11 7.34 -8.67
C SER B 171 4.08 7.97 -10.05
N LYS B 172 3.44 9.14 -10.14
CA LYS B 172 3.29 9.80 -11.44
C LYS B 172 4.64 10.28 -11.96
N GLN B 173 4.95 9.88 -13.19
CA GLN B 173 6.19 10.29 -13.84
C GLN B 173 6.08 11.75 -14.27
N SER B 174 7.08 12.21 -15.01
CA SER B 174 7.04 13.58 -15.56
C SER B 174 6.05 13.68 -16.71
N ASN B 175 5.79 12.57 -17.41
CA ASN B 175 4.87 12.57 -18.54
C ASN B 175 3.45 12.17 -18.14
N ASN B 176 3.10 12.28 -16.86
CA ASN B 176 1.78 11.97 -16.31
C ASN B 176 1.44 10.49 -16.36
N LYS B 177 2.37 9.63 -16.76
CA LYS B 177 2.22 8.18 -16.60
C LYS B 177 2.94 7.76 -15.31
N TYR B 178 2.77 6.49 -14.95
CA TYR B 178 3.18 6.00 -13.65
C TYR B 178 4.31 4.97 -13.77
N ALA B 179 5.15 4.93 -12.74
CA ALA B 179 6.22 3.96 -12.63
C ALA B 179 6.15 3.27 -11.28
N ALA B 180 6.75 2.09 -11.20
CA ALA B 180 6.78 1.33 -9.95
C ALA B 180 7.95 0.37 -9.99
N SER B 181 8.34 -0.10 -8.80
CA SER B 181 9.46 -1.00 -8.66
C SER B 181 9.10 -2.13 -7.69
N SER B 182 9.67 -3.30 -7.93
CA SER B 182 9.48 -4.45 -7.04
C SER B 182 10.80 -5.18 -6.89
N TYR B 183 11.15 -5.51 -5.64
CA TYR B 183 12.40 -6.18 -5.30
C TYR B 183 12.09 -7.50 -4.61
N LEU B 184 12.76 -8.56 -5.04
CA LEU B 184 12.70 -9.85 -4.38
C LEU B 184 14.07 -10.15 -3.78
N SER B 185 14.16 -10.09 -2.46
CA SER B 185 15.40 -10.37 -1.75
C SER B 185 15.50 -11.87 -1.45
N LEU B 186 16.61 -12.46 -1.84
CA LEU B 186 16.86 -13.89 -1.62
C LEU B 186 18.28 -14.07 -1.08
N THR B 187 18.56 -15.30 -0.64
CA THR B 187 19.93 -15.68 -0.33
C THR B 187 20.57 -16.35 -1.55
N PRO B 188 21.89 -16.30 -1.67
CA PRO B 188 22.53 -16.98 -2.82
C PRO B 188 22.11 -18.43 -2.96
N GLU B 189 21.82 -19.11 -1.86
CA GLU B 189 21.39 -20.51 -1.93
C GLU B 189 20.00 -20.61 -2.55
N GLN B 190 19.08 -19.72 -2.17
CA GLN B 190 17.75 -19.73 -2.75
C GLN B 190 17.81 -19.41 -4.24
N TRP B 191 18.64 -18.44 -4.62
CA TRP B 191 18.76 -18.07 -6.04
C TRP B 191 19.26 -19.25 -6.87
N LYS B 192 20.19 -20.02 -6.34
CA LYS B 192 20.76 -21.15 -7.06
C LYS B 192 19.90 -22.40 -6.99
N SER B 193 18.93 -22.46 -6.08
CA SER B 193 18.16 -23.67 -5.86
C SER B 193 16.97 -23.81 -6.81
N HIS B 194 16.76 -22.85 -7.70
CA HIS B 194 15.67 -22.92 -8.68
C HIS B 194 16.24 -22.72 -10.08
N ARG B 195 15.45 -23.15 -11.07
CA ARG B 195 15.86 -23.04 -12.47
C ARG B 195 15.44 -21.72 -13.10
N SER B 196 14.45 -21.03 -12.53
CA SER B 196 14.01 -19.77 -13.10
C SER B 196 13.23 -18.98 -12.05
N TYR B 197 13.32 -17.66 -12.15
CA TYR B 197 12.48 -16.75 -11.41
C TYR B 197 11.78 -15.81 -12.41
N SER B 198 10.58 -15.38 -12.05
CA SER B 198 9.77 -14.58 -12.97
C SER B 198 9.10 -13.42 -12.24
N CYS B 199 9.05 -12.27 -12.92
CA CYS B 199 8.27 -11.11 -12.47
C CYS B 199 7.08 -10.98 -13.40
N ARG B 200 5.87 -11.18 -12.85
CA ARG B 200 4.64 -11.13 -13.62
C ARG B 200 3.89 -9.86 -13.26
N VAL B 201 3.74 -8.96 -14.23
CA VAL B 201 3.11 -7.65 -14.02
C VAL B 201 1.77 -7.65 -14.75
N THR B 202 0.69 -7.47 -14.00
CA THR B 202 -0.66 -7.41 -14.54
C THR B 202 -1.14 -5.97 -14.55
N HIS B 203 -1.72 -5.55 -15.68
CA HIS B 203 -2.22 -4.18 -15.82
C HIS B 203 -3.44 -4.20 -16.73
N GLU B 204 -4.58 -3.74 -16.22
CA GLU B 204 -5.81 -3.62 -17.00
C GLU B 204 -6.08 -4.90 -17.80
N GLY B 205 -5.92 -6.05 -17.16
CA GLY B 205 -6.24 -7.32 -17.77
C GLY B 205 -5.17 -7.92 -18.64
N SER B 206 -4.09 -7.19 -18.91
CA SER B 206 -2.97 -7.69 -19.69
C SER B 206 -1.79 -7.99 -18.77
N THR B 207 -0.96 -8.96 -19.18
CA THR B 207 0.12 -9.46 -18.35
C THR B 207 1.42 -9.50 -19.14
N VAL B 208 2.50 -9.04 -18.51
CA VAL B 208 3.85 -9.12 -19.05
C VAL B 208 4.70 -9.86 -18.03
N GLU B 209 5.31 -10.96 -18.46
CA GLU B 209 6.12 -11.80 -17.58
C GLU B 209 7.53 -11.89 -18.16
N LYS B 210 8.51 -11.46 -17.37
CA LYS B 210 9.92 -11.63 -17.67
C LYS B 210 10.51 -12.69 -16.76
N THR B 211 11.47 -13.45 -17.30
CA THR B 211 12.05 -14.59 -16.59
C THR B 211 13.56 -14.57 -16.73
N VAL B 212 14.24 -14.91 -15.64
CA VAL B 212 15.70 -15.03 -15.62
C VAL B 212 16.08 -16.41 -15.11
N ALA B 213 17.26 -16.87 -15.52
CA ALA B 213 17.77 -18.18 -15.13
C ALA B 213 19.09 -18.02 -14.39
N PRO B 214 19.29 -18.69 -13.26
CA PRO B 214 20.59 -18.58 -12.56
C PRO B 214 21.79 -18.99 -13.40
N ALA B 215 21.58 -19.62 -14.56
CA ALA B 215 22.68 -19.96 -15.45
C ALA B 215 22.83 -18.89 -16.53
C ACE C 1 -18.90 -10.78 23.50
O ACE C 1 -18.69 -10.79 24.71
CH3 ACE C 1 -17.94 -11.40 22.53
N ASN C 2 -20.03 -10.25 23.01
CA ASN C 2 -20.37 -10.18 21.59
C ASN C 2 -19.95 -8.82 21.00
N PRO C 3 -18.99 -8.81 20.08
CA PRO C 3 -18.54 -7.54 19.50
C PRO C 3 -19.41 -7.02 18.38
N ASN C 4 -20.45 -7.75 17.98
CA ASN C 4 -21.35 -7.34 16.91
C ASN C 4 -22.67 -6.78 17.42
N ALA C 5 -22.79 -6.55 18.73
CA ALA C 5 -24.00 -5.98 19.28
C ALA C 5 -23.94 -4.45 19.19
N ASN C 6 -25.10 -3.83 19.12
CA ASN C 6 -25.20 -2.38 19.01
C ASN C 6 -24.42 -1.72 20.15
N PRO C 7 -23.37 -0.94 19.84
CA PRO C 7 -22.55 -0.36 20.92
C PRO C 7 -22.97 1.04 21.34
N ASN C 8 -24.19 1.46 20.99
CA ASN C 8 -24.64 2.82 21.23
C ASN C 8 -25.79 2.83 22.22
N ALA C 9 -26.15 4.03 22.67
CA ALA C 9 -27.26 4.20 23.58
C ALA C 9 -28.61 4.15 22.85
N ASN C 10 -28.64 4.52 21.58
CA ASN C 10 -29.86 4.60 20.80
C ASN C 10 -29.66 3.93 19.46
N PRO C 11 -30.75 3.53 18.79
CA PRO C 11 -30.65 3.09 17.39
C PRO C 11 -30.39 4.29 16.47
N ASN C 12 -30.06 3.97 15.23
CA ASN C 12 -29.83 5.00 14.22
C ASN C 12 -31.10 5.30 13.44
O1 MES D . 35.06 9.55 -4.29
C2 MES D . 35.75 9.71 -5.53
C3 MES D . 35.23 10.94 -6.26
N4 MES D . 33.78 10.82 -6.44
C5 MES D . 33.01 10.48 -5.25
C6 MES D . 33.67 9.32 -4.50
C7 MES D . 33.24 11.97 -7.15
C8 MES D . 32.15 11.48 -8.09
S MES D . 31.54 12.78 -8.94
O1S MES D . 30.18 12.47 -9.41
O2S MES D . 31.52 13.98 -8.08
O3S MES D . 32.41 13.03 -10.11
H21 MES D . 35.60 8.82 -6.15
H22 MES D . 36.82 9.82 -5.35
H31 MES D . 35.46 11.84 -5.69
H32 MES D . 35.71 11.03 -7.24
HN4 MES D . 33.67 10.04 -7.07
H51 MES D . 32.00 10.19 -5.55
H52 MES D . 32.92 11.34 -4.60
H61 MES D . 33.18 9.19 -3.54
H62 MES D . 33.53 8.40 -5.06
H71 MES D . 32.82 12.69 -6.44
H72 MES D . 34.03 12.47 -7.72
H81 MES D . 32.56 10.74 -8.79
H82 MES D . 31.35 11.00 -7.52
C14 1PE E . -14.57 -3.23 30.45
C24 1PE E . -14.40 -2.41 31.73
OH5 1PE E . -13.32 -3.72 30.06
C15 1PE E . -13.65 -5.68 28.72
C25 1PE E . -13.25 -4.21 28.75
OH6 1PE E . -14.70 -5.86 27.80
C16 1PE E . -16.27 -7.62 28.27
C26 1PE E . -15.01 -7.21 27.52
OH7 1PE E . -16.58 -8.95 27.95
H141 1PE E . -15.16 -3.97 30.62
H142 1PE E . -14.93 -2.68 29.75
H241 1PE E . -14.30 -3.01 32.49
H242 1PE E . -15.19 -1.86 31.85
H151 1PE E . -12.90 -6.22 28.44
H152 1PE E . -13.95 -5.96 29.59
H251 1PE E . -13.86 -3.70 28.18
H252 1PE E . -12.34 -4.12 28.41
H161 1PE E . -16.13 -7.52 29.21
H162 1PE E . -17.00 -7.04 27.99
H261 1PE E . -15.15 -7.31 26.56
H262 1PE E . -14.27 -7.77 27.79
HO7 1PE E . -16.62 -9.41 28.67
O1 MES F . 10.80 0.47 -25.34
C2 MES F . 9.72 0.19 -24.47
C3 MES F . 9.90 -1.18 -23.82
N4 MES F . 10.02 -2.16 -24.90
C5 MES F . 11.08 -1.90 -25.85
C6 MES F . 10.90 -0.48 -26.40
C7 MES F . 10.05 -3.55 -24.44
C8 MES F . 8.67 -3.95 -23.91
S MES F . 8.86 -4.43 -22.33
O1S MES F . 9.43 -3.31 -21.54
O2S MES F . 7.57 -4.83 -21.76
O3S MES F . 9.80 -5.57 -22.29
H21 MES F . 8.78 0.22 -25.02
H22 MES F . 9.67 0.96 -23.68
H31 MES F . 10.80 -1.20 -23.20
H32 MES F . 9.05 -1.42 -23.18
HN4 MES F . 9.16 -2.08 -25.42
H51 MES F . 11.04 -2.62 -26.67
H52 MES F . 12.05 -1.99 -25.36
H61 MES F . 11.74 -0.23 -27.04
H62 MES F . 10.00 -0.44 -27.01
H71 MES F . 10.33 -4.20 -25.27
H72 MES F . 10.80 -3.66 -23.65
H81 MES F . 7.99 -3.10 -23.97
H82 MES F . 8.27 -4.77 -24.51
O1 MES G . -6.68 0.60 -1.51
C2 MES G . -6.84 0.08 -2.82
C3 MES G . -6.21 -1.31 -2.93
N4 MES G . -4.82 -1.23 -2.50
C5 MES G . -4.64 -0.68 -1.17
C6 MES G . -5.31 0.70 -1.14
C7 MES G . -4.11 -2.48 -2.73
C8 MES G . -2.62 -2.18 -2.91
S MES G . -1.81 -3.60 -3.20
O1S MES G . -2.18 -4.12 -4.54
O2S MES G . -2.18 -4.59 -2.17
O3S MES G . -0.36 -3.35 -3.15
H21 MES G . -6.37 0.74 -3.55
H22 MES G . -7.91 0.00 -3.06
H31 MES G . -6.75 -2.03 -2.30
H32 MES G . -6.26 -1.67 -3.96
HN4 MES G . -4.39 -0.55 -3.12
H51 MES G . -3.58 -0.59 -0.93
H52 MES G . -5.10 -1.34 -0.42
H61 MES G . -5.23 1.11 -0.14
H62 MES G . -4.77 1.36 -1.82
H71 MES G . -4.25 -3.15 -1.88
H72 MES G . -4.49 -2.98 -3.62
H81 MES G . -2.48 -1.50 -3.75
H82 MES G . -2.23 -1.70 -2.01
OH2 1PE H . -4.93 10.33 5.56
C12 1PE H . -3.70 10.53 4.91
C22 1PE H . -3.27 9.24 4.21
OH3 1PE H . -4.22 8.89 3.25
C13 1PE H . -4.85 7.67 1.29
C23 1PE H . -3.78 7.91 2.35
OH4 1PE H . -4.58 8.42 0.15
C24 1PE H . -3.67 7.83 -0.74
HO2 1PE H . -5.02 10.90 6.18
H121 1PE H . -3.80 11.24 4.24
H122 1PE H . -3.03 10.80 5.55
H221 1PE H . -2.41 9.38 3.78
H222 1PE H . -3.19 8.53 4.87
H131 1PE H . -4.87 6.73 1.06
H132 1PE H . -5.72 7.93 1.65
H231 1PE H . -2.96 8.21 1.92
H232 1PE H . -3.60 7.09 2.82
H241 1PE H . -3.02 7.32 -0.25
H242 1PE H . -4.15 7.24 -1.34
#